data_3S8K
#
_entry.id   3S8K
#
_cell.length_a   44.262
_cell.length_b   81.992
_cell.length_c   140.891
_cell.angle_alpha   90.00
_cell.angle_beta   90.00
_cell.angle_gamma   90.00
#
_symmetry.space_group_name_H-M   'P 21 21 21'
#
loop_
_entity.id
_entity.type
_entity.pdbx_description
1 polymer 'Latex serine proteinase inhibitor'
2 branched alpha-L-fucopyranose-(1-3)-[2-acetamido-2-deoxy-beta-D-glucopyranose-(1-4)]2-acetamido-2-deoxy-beta-D-glucopyranose
3 non-polymer 'COBALT (II) ION'
4 non-polymer 'AMMONIUM ION'
5 non-polymer GLYCEROL
6 non-polymer 'SULFATE ION'
7 water water
#
_entity_poly.entity_id   1
_entity_poly.type   'polypeptide(L)'
_entity_poly.pdbx_seq_one_letter_code
;VAPKPIVDIDGKPVLYGVDYFVVSAIWGAGGGGLTVYGPGNKKKCPLSVVQDPFDNGEPIIFSAIKNVKDNIVRESVDLN
VKFNITINCNETTAWKVDRFPGVIGWTVTLGGEKGYHGFESTHSMFKIKKAGLPFSYKFHFCPSYPRTRLIPCNNVDIFF
DKYRIRRLILTNDAKEFVFIKTNR
;
_entity_poly.pdbx_strand_id   A,B
#
loop_
_chem_comp.id
_chem_comp.type
_chem_comp.name
_chem_comp.formula
CO non-polymer 'COBALT (II) ION' 'Co 2'
FUC L-saccharide, alpha linking alpha-L-fucopyranose 'C6 H12 O5'
GOL non-polymer GLYCEROL 'C3 H8 O3'
NAG D-saccharide, beta linking 2-acetamido-2-deoxy-beta-D-glucopyranose 'C8 H15 N O6'
NH4 non-polymer 'AMMONIUM ION' 'H4 N 1'
SO4 non-polymer 'SULFATE ION' 'O4 S -2'
#
# COMPACT_ATOMS: atom_id res chain seq x y z
N ALA A 2 -6.99 -11.89 -21.36
CA ALA A 2 -7.50 -10.52 -21.23
C ALA A 2 -6.75 -9.81 -20.12
N PRO A 3 -6.73 -8.47 -20.17
CA PRO A 3 -6.11 -7.77 -19.04
C PRO A 3 -6.87 -8.08 -17.75
N LYS A 4 -6.21 -7.91 -16.61
CA LYS A 4 -6.81 -8.23 -15.32
C LYS A 4 -7.79 -7.13 -14.94
N PRO A 5 -8.87 -7.50 -14.24
CA PRO A 5 -9.71 -6.45 -13.65
C PRO A 5 -8.94 -5.57 -12.68
N ILE A 6 -9.28 -4.29 -12.67
CA ILE A 6 -8.97 -3.41 -11.56
C ILE A 6 -9.84 -3.87 -10.40
N VAL A 7 -9.27 -3.99 -9.20
CA VAL A 7 -10.10 -4.30 -8.04
C VAL A 7 -10.16 -3.16 -7.05
N ASP A 8 -11.24 -3.12 -6.28
CA ASP A 8 -11.38 -2.12 -5.25
C ASP A 8 -10.71 -2.60 -3.96
N ILE A 9 -10.87 -1.84 -2.89
CA ILE A 9 -10.10 -2.06 -1.68
C ILE A 9 -10.54 -3.37 -1.01
N ASP A 10 -11.76 -3.80 -1.31
CA ASP A 10 -12.27 -5.11 -0.86
C ASP A 10 -11.98 -6.28 -1.83
N GLY A 11 -11.20 -6.04 -2.86
CA GLY A 11 -10.82 -7.08 -3.81
C GLY A 11 -11.86 -7.48 -4.85
N LYS A 12 -12.94 -6.69 -4.95
CA LYS A 12 -13.98 -6.90 -5.98
C LYS A 12 -13.67 -6.09 -7.23
N PRO A 13 -13.96 -6.64 -8.42
CA PRO A 13 -13.73 -5.87 -9.67
C PRO A 13 -14.41 -4.52 -9.61
N VAL A 14 -13.69 -3.50 -10.09
CA VAL A 14 -14.22 -2.15 -10.25
C VAL A 14 -15.14 -2.15 -11.50
N LEU A 15 -16.28 -1.50 -11.38
CA LEU A 15 -17.28 -1.55 -12.46
C LEU A 15 -17.49 -0.16 -13.03
N TYR A 16 -17.83 -0.09 -14.31
CA TYR A 16 -18.22 1.16 -14.93
C TYR A 16 -19.59 1.59 -14.42
N GLY A 17 -19.86 2.89 -14.41
CA GLY A 17 -21.17 3.39 -14.01
C GLY A 17 -21.54 3.25 -12.54
N VAL A 18 -20.55 3.06 -11.66
CA VAL A 18 -20.82 3.04 -10.24
CA VAL A 18 -20.73 2.90 -10.22
C VAL A 18 -19.84 3.94 -9.51
N ASP A 19 -20.32 4.52 -8.41
CA ASP A 19 -19.56 5.53 -7.70
C ASP A 19 -18.45 4.91 -6.86
N TYR A 20 -17.24 5.47 -7.00
CA TYR A 20 -16.12 5.13 -6.13
C TYR A 20 -15.48 6.40 -5.61
N PHE A 21 -14.93 6.33 -4.41
CA PHE A 21 -13.97 7.32 -3.97
C PHE A 21 -12.61 6.84 -4.47
N VAL A 22 -11.76 7.79 -4.83
CA VAL A 22 -10.43 7.47 -5.32
C VAL A 22 -9.48 8.09 -4.33
N VAL A 23 -8.80 7.24 -3.55
CA VAL A 23 -8.20 7.69 -2.33
C VAL A 23 -6.73 7.32 -2.27
N SER A 24 -5.90 8.23 -1.78
CA SER A 24 -4.48 7.93 -1.64
C SER A 24 -4.22 6.62 -0.90
N ALA A 25 -3.33 5.80 -1.46
CA ALA A 25 -2.91 4.55 -0.78
C ALA A 25 -2.07 4.84 0.46
N ILE A 26 -1.37 5.97 0.44
CA ILE A 26 -0.50 6.38 1.53
C ILE A 26 -1.22 7.33 2.49
N TRP A 27 -1.12 7.06 3.80
CA TRP A 27 -1.84 7.85 4.83
C TRP A 27 -1.03 9.08 5.24
N GLY A 28 -1.49 9.78 6.27
CA GLY A 28 -0.75 10.93 6.77
C GLY A 28 -0.76 12.12 5.82
N ALA A 29 0.40 12.76 5.66
CA ALA A 29 0.48 13.98 4.85
C ALA A 29 0.00 13.69 3.43
N GLY A 30 0.26 12.49 2.95
CA GLY A 30 -0.12 12.10 1.60
C GLY A 30 -1.56 11.63 1.43
N GLY A 31 -2.32 11.56 2.53
CA GLY A 31 -3.64 10.95 2.50
C GLY A 31 -4.70 11.86 1.91
N GLY A 32 -5.82 11.26 1.53
CA GLY A 32 -6.97 12.01 1.04
C GLY A 32 -7.44 11.53 -0.33
N GLY A 33 -8.73 11.73 -0.60
CA GLY A 33 -9.33 11.41 -1.91
C GLY A 33 -9.38 12.63 -2.81
N LEU A 34 -10.22 12.58 -3.85
CA LEU A 34 -10.17 13.58 -4.92
C LEU A 34 -11.42 14.42 -4.97
N THR A 35 -11.22 15.68 -5.33
CA THR A 35 -12.34 16.58 -5.53
C THR A 35 -11.94 17.63 -6.56
N VAL A 36 -12.57 18.80 -6.53
CA VAL A 36 -12.35 19.81 -7.56
C VAL A 36 -12.11 21.18 -6.90
N TYR A 37 -11.39 22.06 -7.58
CA TYR A 37 -11.18 23.40 -7.03
C TYR A 37 -10.73 24.31 -8.14
N GLY A 38 -10.97 25.59 -7.95
CA GLY A 38 -10.68 26.57 -8.98
C GLY A 38 -9.24 26.99 -8.89
N PRO A 39 -8.86 28.04 -9.64
CA PRO A 39 -7.44 28.38 -9.76
C PRO A 39 -6.81 28.87 -8.44
N GLY A 40 -7.62 29.10 -7.41
CA GLY A 40 -7.08 29.36 -6.07
C GLY A 40 -7.16 30.80 -5.59
N ASN A 41 -7.41 31.72 -6.52
CA ASN A 41 -7.51 33.14 -6.21
C ASN A 41 -9.02 33.43 -6.25
N LYS A 42 -9.40 34.69 -6.45
CA LYS A 42 -10.79 35.14 -6.27
C LYS A 42 -11.76 34.42 -7.23
N LYS A 43 -11.26 33.91 -8.34
CA LYS A 43 -12.10 33.21 -9.31
C LYS A 43 -12.47 31.80 -8.85
N LYS A 44 -13.74 31.44 -9.01
CA LYS A 44 -14.21 30.11 -8.62
C LYS A 44 -14.00 29.12 -9.76
N CYS A 45 -13.81 29.64 -10.98
CA CYS A 45 -13.81 28.84 -12.23
C CYS A 45 -12.60 29.19 -13.08
N PRO A 46 -12.14 28.26 -13.93
CA PRO A 46 -12.64 26.89 -14.12
C PRO A 46 -11.99 25.94 -13.10
N LEU A 47 -12.32 24.65 -13.16
CA LEU A 47 -11.98 23.74 -12.08
C LEU A 47 -10.91 22.75 -12.52
N SER A 48 -10.06 22.34 -11.58
CA SER A 48 -9.18 21.22 -11.85
C SER A 48 -9.37 20.17 -10.77
N VAL A 49 -8.85 18.97 -11.02
CA VAL A 49 -8.97 17.88 -10.07
C VAL A 49 -7.89 18.01 -8.99
N VAL A 50 -8.29 17.98 -7.72
CA VAL A 50 -7.34 18.16 -6.63
C VAL A 50 -7.55 17.09 -5.56
N GLN A 51 -6.53 16.88 -4.73
CA GLN A 51 -6.67 16.00 -3.59
C GLN A 51 -7.17 16.77 -2.39
N ASP A 52 -8.22 16.25 -1.76
CA ASP A 52 -8.72 16.77 -0.47
C ASP A 52 -7.98 16.04 0.63
N PRO A 53 -7.16 16.76 1.43
CA PRO A 53 -6.33 16.08 2.44
C PRO A 53 -7.12 15.57 3.64
N PHE A 54 -8.40 15.93 3.72
CA PHE A 54 -9.14 15.74 4.97
C PHE A 54 -10.12 14.57 4.98
N ASP A 55 -10.37 13.99 3.82
CA ASP A 55 -11.40 12.96 3.71
C ASP A 55 -11.25 12.21 2.39
N ASN A 56 -12.17 11.28 2.14
CA ASN A 56 -12.11 10.46 0.93
C ASN A 56 -12.55 11.19 -0.36
N GLY A 57 -12.92 12.45 -0.26
CA GLY A 57 -13.24 13.23 -1.45
C GLY A 57 -14.66 12.99 -1.96
N GLU A 58 -14.82 13.15 -3.28
CA GLU A 58 -16.11 13.14 -3.93
C GLU A 58 -16.25 11.89 -4.80
N PRO A 59 -17.48 11.44 -5.04
CA PRO A 59 -17.66 10.21 -5.84
C PRO A 59 -17.27 10.37 -7.31
N ILE A 60 -16.67 9.31 -7.86
CA ILE A 60 -16.17 9.29 -9.22
C ILE A 60 -16.77 8.09 -9.97
N ILE A 61 -17.13 8.30 -11.23
CA ILE A 61 -17.67 7.23 -12.08
C ILE A 61 -16.80 7.06 -13.31
N PHE A 62 -16.49 5.81 -13.64
CA PHE A 62 -15.76 5.48 -14.87
C PHE A 62 -16.75 5.09 -15.92
N SER A 63 -16.50 5.52 -17.13
CA SER A 63 -17.34 5.17 -18.28
C SER A 63 -16.51 4.52 -19.38
N ALA A 64 -17.04 3.46 -19.98
CA ALA A 64 -16.32 2.73 -21.02
C ALA A 64 -16.33 3.45 -22.38
N ILE A 65 -15.27 3.25 -23.14
CA ILE A 65 -15.22 3.84 -24.48
CA ILE A 65 -15.13 3.79 -24.50
C ILE A 65 -15.81 2.83 -25.48
N LYS A 66 -15.42 1.57 -25.40
CA LYS A 66 -16.06 0.53 -26.20
C LYS A 66 -17.15 -0.15 -25.37
N ASN A 67 -17.99 -0.97 -25.98
CA ASN A 67 -18.98 -1.72 -25.23
C ASN A 67 -18.25 -2.80 -24.42
N VAL A 68 -18.49 -2.81 -23.12
CA VAL A 68 -17.85 -3.78 -22.24
C VAL A 68 -18.94 -4.61 -21.59
N LYS A 69 -19.11 -5.83 -22.08
CA LYS A 69 -20.30 -6.61 -21.77
C LYS A 69 -20.42 -6.96 -20.29
N ASP A 70 -19.31 -7.30 -19.65
CA ASP A 70 -19.33 -7.66 -18.23
C ASP A 70 -19.18 -6.43 -17.30
N ASN A 71 -19.09 -5.25 -17.91
CA ASN A 71 -19.04 -3.97 -17.17
C ASN A 71 -17.84 -3.83 -16.25
N ILE A 72 -16.80 -4.63 -16.47
CA ILE A 72 -15.63 -4.62 -15.59
C ILE A 72 -14.51 -3.76 -16.14
N VAL A 73 -13.98 -2.89 -15.27
CA VAL A 73 -12.86 -2.03 -15.62
C VAL A 73 -11.59 -2.83 -15.54
N ARG A 74 -10.79 -2.81 -16.61
CA ARG A 74 -9.58 -3.63 -16.66
C ARG A 74 -8.33 -2.78 -16.80
N GLU A 75 -7.21 -3.38 -16.44
CA GLU A 75 -5.91 -2.74 -16.49
C GLU A 75 -5.54 -2.26 -17.89
N SER A 76 -5.05 -1.03 -17.95
CA SER A 76 -4.47 -0.49 -19.18
CA SER A 76 -4.45 -0.47 -19.16
C SER A 76 -5.42 -0.34 -20.36
N VAL A 77 -6.68 -0.07 -20.06
CA VAL A 77 -7.69 0.15 -21.08
C VAL A 77 -8.17 1.59 -20.98
N ASP A 78 -8.18 2.31 -22.10
CA ASP A 78 -8.61 3.71 -22.06
C ASP A 78 -10.03 3.80 -21.56
N LEU A 79 -10.29 4.77 -20.70
CA LEU A 79 -11.63 4.96 -20.19
C LEU A 79 -11.86 6.42 -19.87
N ASN A 80 -13.11 6.74 -19.60
CA ASN A 80 -13.48 8.11 -19.24
C ASN A 80 -13.74 8.19 -17.73
N VAL A 81 -13.48 9.35 -17.14
CA VAL A 81 -13.60 9.56 -15.69
C VAL A 81 -14.37 10.86 -15.44
N LYS A 82 -15.31 10.83 -14.51
CA LYS A 82 -15.99 12.05 -14.12
C LYS A 82 -16.33 12.03 -12.63
N PHE A 83 -16.53 13.21 -12.05
CA PHE A 83 -17.11 13.29 -10.72
C PHE A 83 -18.63 13.23 -10.79
N ASN A 84 -19.26 12.46 -9.90
CA ASN A 84 -20.73 12.40 -9.89
C ASN A 84 -21.23 13.41 -8.87
N ILE A 85 -21.00 14.67 -9.23
CA ILE A 85 -21.40 15.77 -8.37
C ILE A 85 -21.97 16.92 -9.25
N THR A 86 -22.57 17.92 -8.63
CA THR A 86 -22.98 19.10 -9.37
C THR A 86 -21.95 20.18 -9.09
N ILE A 87 -21.61 20.99 -10.10
CA ILE A 87 -20.65 22.08 -9.92
C ILE A 87 -21.26 23.40 -10.38
N ASN A 88 -20.69 24.52 -9.95
CA ASN A 88 -21.15 25.84 -10.39
C ASN A 88 -20.18 26.51 -11.36
N CYS A 89 -19.56 25.71 -12.21
CA CYS A 89 -18.82 26.23 -13.36
C CYS A 89 -19.49 25.66 -14.59
N ASN A 90 -19.43 26.40 -15.70
CA ASN A 90 -20.09 26.02 -16.92
C ASN A 90 -19.23 25.04 -17.72
N GLU A 91 -19.07 23.83 -17.20
CA GLU A 91 -18.28 22.81 -17.87
C GLU A 91 -18.73 21.48 -17.34
N THR A 92 -18.35 20.40 -18.03
CA THR A 92 -18.68 19.08 -17.54
C THR A 92 -17.81 18.72 -16.33
N THR A 93 -18.22 17.66 -15.63
CA THR A 93 -17.45 17.21 -14.48
C THR A 93 -16.50 16.08 -14.89
N ALA A 94 -16.30 15.90 -16.21
CA ALA A 94 -15.41 14.86 -16.73
C ALA A 94 -13.94 15.32 -16.71
N TRP A 95 -13.03 14.39 -16.43
CA TRP A 95 -11.61 14.71 -16.40
C TRP A 95 -11.03 14.84 -17.82
N LYS A 96 -10.07 15.72 -17.98
CA LYS A 96 -9.24 15.72 -19.18
C LYS A 96 -7.87 16.29 -18.85
N VAL A 97 -6.92 16.11 -19.74
CA VAL A 97 -5.60 16.72 -19.55
C VAL A 97 -5.62 18.00 -20.37
N ASP A 98 -5.24 19.13 -19.76
CA ASP A 98 -5.30 20.41 -20.47
C ASP A 98 -4.36 21.38 -19.77
N ARG A 99 -4.19 22.58 -20.34
CA ARG A 99 -3.52 23.65 -19.62
C ARG A 99 -4.54 24.25 -18.67
N PHE A 100 -4.07 24.66 -17.49
CA PHE A 100 -4.94 25.20 -16.45
C PHE A 100 -4.28 26.46 -15.93
N PRO A 101 -5.08 27.51 -15.64
CA PRO A 101 -4.49 28.81 -15.29
C PRO A 101 -3.58 28.71 -14.09
N GLY A 102 -2.34 29.16 -14.27
CA GLY A 102 -1.40 29.29 -13.18
C GLY A 102 -0.56 28.06 -12.92
N VAL A 103 -0.84 26.98 -13.64
CA VAL A 103 -0.12 25.71 -13.40
C VAL A 103 0.80 25.36 -14.56
N ILE A 104 2.06 25.12 -14.25
CA ILE A 104 3.06 24.78 -15.25
C ILE A 104 2.85 23.33 -15.66
N GLY A 105 2.87 23.06 -16.97
CA GLY A 105 2.74 21.70 -17.49
C GLY A 105 1.31 21.31 -17.79
N TRP A 106 1.05 20.02 -17.93
CA TRP A 106 -0.28 19.55 -18.27
C TRP A 106 -0.99 19.15 -16.99
N THR A 107 -2.22 19.63 -16.83
CA THR A 107 -3.00 19.41 -15.60
C THR A 107 -4.23 18.55 -15.84
N VAL A 108 -4.67 17.78 -14.84
CA VAL A 108 -5.95 17.08 -14.97
C VAL A 108 -7.04 18.06 -14.56
N THR A 109 -7.82 18.50 -15.53
CA THR A 109 -8.88 19.49 -15.32
C THR A 109 -10.24 18.86 -15.50
N LEU A 110 -11.29 19.63 -15.22
CA LEU A 110 -12.65 19.27 -15.64
C LEU A 110 -12.90 19.74 -17.08
N GLY A 111 -14.16 19.65 -17.53
CA GLY A 111 -14.51 20.01 -18.90
C GLY A 111 -14.23 18.94 -19.95
N GLY A 112 -14.01 17.70 -19.50
CA GLY A 112 -13.73 16.61 -20.40
C GLY A 112 -14.89 16.21 -21.31
N GLU A 113 -14.55 15.45 -22.34
CA GLU A 113 -15.50 14.84 -23.26
C GLU A 113 -15.63 13.33 -22.97
N LYS A 114 -16.60 12.66 -23.57
CA LYS A 114 -16.72 11.20 -23.46
C LYS A 114 -16.66 10.59 -24.85
N GLY A 115 -16.27 9.32 -24.93
CA GLY A 115 -16.28 8.62 -26.22
C GLY A 115 -15.13 9.03 -27.14
N TYR A 116 -15.30 8.88 -28.44
CA TYR A 116 -14.20 9.19 -29.34
C TYR A 116 -14.76 9.87 -30.58
N HIS A 117 -15.03 11.16 -30.43
CA HIS A 117 -15.34 12.01 -31.57
C HIS A 117 -14.41 13.22 -31.54
N GLY A 118 -13.53 13.28 -32.53
CA GLY A 118 -12.52 14.32 -32.62
C GLY A 118 -11.28 13.86 -31.88
N PHE A 119 -10.12 14.24 -32.38
CA PHE A 119 -8.88 13.86 -31.73
C PHE A 119 -8.78 14.46 -30.34
N GLU A 120 -9.39 15.63 -30.13
N GLU A 120 -9.39 15.63 -30.15
CA GLU A 120 -9.33 16.28 -28.82
CA GLU A 120 -9.35 16.29 -28.83
C GLU A 120 -10.00 15.44 -27.74
C GLU A 120 -9.94 15.38 -27.75
N SER A 121 -10.94 14.58 -28.12
CA SER A 121 -11.64 13.75 -27.13
C SER A 121 -10.71 12.73 -26.47
N THR A 122 -9.61 12.40 -27.12
CA THR A 122 -8.65 11.47 -26.52
C THR A 122 -7.97 12.08 -25.28
N HIS A 123 -8.01 13.41 -25.15
CA HIS A 123 -7.42 14.06 -23.98
C HIS A 123 -8.25 13.80 -22.73
N SER A 124 -9.42 13.18 -22.93
CA SER A 124 -10.26 12.73 -21.83
C SER A 124 -10.12 11.22 -21.54
N MET A 125 -9.17 10.57 -22.18
CA MET A 125 -8.98 9.14 -22.00
C MET A 125 -7.84 8.84 -21.04
N PHE A 126 -8.13 8.02 -20.04
CA PHE A 126 -7.11 7.65 -19.05
C PHE A 126 -7.04 6.16 -18.92
N LYS A 127 -5.85 5.68 -18.56
CA LYS A 127 -5.67 4.27 -18.25
C LYS A 127 -5.40 4.11 -16.76
N ILE A 128 -5.90 3.02 -16.19
CA ILE A 128 -5.60 2.67 -14.80
C ILE A 128 -4.65 1.48 -14.81
N LYS A 129 -3.49 1.63 -14.18
CA LYS A 129 -2.45 0.60 -14.16
C LYS A 129 -2.11 0.22 -12.71
N LYS A 130 -1.71 -1.03 -12.51
CA LYS A 130 -1.34 -1.50 -11.19
C LYS A 130 -0.12 -0.72 -10.68
N ALA A 131 -0.16 -0.30 -9.42
CA ALA A 131 0.98 0.32 -8.76
C ALA A 131 1.55 -0.68 -7.74
N GLY A 132 2.69 -0.33 -7.14
CA GLY A 132 3.41 -1.27 -6.29
C GLY A 132 2.99 -1.43 -4.83
N LEU A 133 1.73 -1.15 -4.49
CA LEU A 133 1.24 -1.23 -3.11
C LEU A 133 -0.05 -2.05 -3.10
N PRO A 134 -0.44 -2.57 -1.91
CA PRO A 134 -1.63 -3.44 -1.95
C PRO A 134 -2.89 -2.68 -2.43
N PHE A 135 -3.61 -3.32 -3.35
CA PHE A 135 -4.85 -2.82 -3.96
C PHE A 135 -4.69 -1.46 -4.59
N SER A 136 -3.46 -1.11 -4.99
CA SER A 136 -3.15 0.25 -5.43
C SER A 136 -2.91 0.37 -6.90
N TYR A 137 -3.27 1.53 -7.44
CA TYR A 137 -3.26 1.78 -8.87
C TYR A 137 -2.81 3.19 -9.14
N LYS A 138 -2.38 3.45 -10.37
CA LYS A 138 -2.09 4.81 -10.81
C LYS A 138 -2.90 5.10 -12.06
N PHE A 139 -3.13 6.39 -12.30
CA PHE A 139 -3.66 6.85 -13.57
C PHE A 139 -2.50 7.18 -14.50
N HIS A 140 -2.64 6.74 -15.75
CA HIS A 140 -1.65 6.95 -16.78
C HIS A 140 -2.37 7.51 -18.01
N PHE A 141 -1.83 8.59 -18.56
CA PHE A 141 -2.36 9.12 -19.81
C PHE A 141 -1.52 8.71 -21.01
N CYS A 142 -2.09 7.86 -21.86
CA CYS A 142 -1.43 7.46 -23.11
C CYS A 142 -2.45 6.75 -23.99
N PRO A 143 -3.34 7.52 -24.63
CA PRO A 143 -4.48 6.95 -25.36
C PRO A 143 -4.02 6.00 -26.46
N SER A 144 -4.80 4.95 -26.65
CA SER A 144 -4.51 3.98 -27.71
C SER A 144 -5.17 4.35 -29.03
N TYR A 145 -5.79 5.51 -29.10
CA TYR A 145 -6.52 5.93 -30.30
C TYR A 145 -5.80 7.09 -30.98
N PRO A 146 -5.93 7.22 -32.31
CA PRO A 146 -5.22 8.30 -33.00
C PRO A 146 -5.50 9.70 -32.42
N ARG A 147 -4.45 10.51 -32.35
CA ARG A 147 -4.60 11.87 -31.87
C ARG A 147 -3.43 12.70 -32.34
N THR A 148 -3.44 14.00 -32.03
CA THR A 148 -2.29 14.85 -32.32
C THR A 148 -1.16 14.57 -31.32
N ARG A 149 0.03 15.06 -31.65
CA ARG A 149 1.21 14.88 -30.82
C ARG A 149 1.33 15.92 -29.70
N LEU A 150 0.27 16.68 -29.45
CA LEU A 150 0.33 17.81 -28.52
C LEU A 150 0.71 17.39 -27.09
N ILE A 151 -0.02 16.43 -26.54
CA ILE A 151 0.18 16.06 -25.13
C ILE A 151 0.96 14.77 -24.99
N PRO A 152 2.17 14.84 -24.40
CA PRO A 152 2.96 13.62 -24.21
C PRO A 152 2.31 12.63 -23.25
N CYS A 153 2.55 11.34 -23.42
CA CYS A 153 2.14 10.35 -22.42
C CYS A 153 2.85 10.57 -21.10
N ASN A 154 2.16 10.30 -20.00
CA ASN A 154 2.79 10.41 -18.68
C ASN A 154 1.84 9.89 -17.62
N ASN A 155 2.38 9.71 -16.43
CA ASN A 155 1.60 9.35 -15.26
C ASN A 155 0.94 10.55 -14.64
N VAL A 156 -0.01 10.29 -13.75
CA VAL A 156 -0.66 11.39 -12.98
C VAL A 156 -0.12 11.39 -11.55
N ASP A 157 0.31 12.56 -11.06
CA ASP A 157 0.80 12.67 -9.68
C ASP A 157 0.31 13.98 -9.13
N ILE A 158 0.58 14.19 -7.84
CA ILE A 158 0.13 15.37 -7.15
C ILE A 158 1.24 16.42 -7.06
N PHE A 159 0.85 17.68 -7.26
CA PHE A 159 1.77 18.81 -7.25
C PHE A 159 1.13 19.89 -6.35
N PHE A 160 1.84 20.33 -5.31
CA PHE A 160 1.38 21.44 -4.48
C PHE A 160 1.61 22.75 -5.21
N ASP A 161 0.56 23.49 -5.51
CA ASP A 161 0.76 24.80 -6.12
C ASP A 161 1.11 25.84 -5.06
N LYS A 162 1.13 27.10 -5.46
CA LYS A 162 1.60 28.14 -4.54
C LYS A 162 0.62 28.36 -3.38
N TYR A 163 -0.62 27.91 -3.54
CA TYR A 163 -1.60 28.01 -2.46
C TYR A 163 -1.62 26.75 -1.63
N ARG A 164 -0.73 25.82 -1.96
CA ARG A 164 -0.69 24.49 -1.36
C ARG A 164 -1.94 23.67 -1.69
N ILE A 165 -2.57 24.00 -2.81
CA ILE A 165 -3.64 23.19 -3.37
CA ILE A 165 -3.64 23.17 -3.32
C ILE A 165 -2.98 22.00 -4.05
N ARG A 166 -3.50 20.81 -3.83
CA ARG A 166 -2.86 19.60 -4.33
C ARG A 166 -3.38 19.25 -5.71
N ARG A 167 -2.74 19.81 -6.73
CA ARG A 167 -3.18 19.62 -8.13
C ARG A 167 -2.74 18.25 -8.66
N LEU A 168 -3.54 17.67 -9.54
CA LEU A 168 -3.11 16.48 -10.28
C LEU A 168 -2.54 16.94 -11.61
N ILE A 169 -1.34 16.50 -11.91
CA ILE A 169 -0.66 16.93 -13.13
C ILE A 169 -0.09 15.71 -13.80
N LEU A 170 0.30 15.85 -15.08
CA LEU A 170 1.04 14.80 -15.76
C LEU A 170 2.51 14.96 -15.45
N THR A 171 3.15 13.86 -15.08
CA THR A 171 4.56 13.90 -14.75
C THR A 171 5.11 12.49 -14.77
N ASN A 172 6.43 12.36 -14.60
CA ASN A 172 7.09 11.06 -14.59
C ASN A 172 6.59 10.13 -13.47
N ASP A 173 6.50 10.70 -12.28
CA ASP A 173 6.12 9.92 -11.08
C ASP A 173 4.61 9.72 -11.03
N ALA A 174 4.15 8.76 -10.25
CA ALA A 174 2.72 8.47 -10.21
C ALA A 174 2.22 8.40 -8.79
N LYS A 175 1.07 8.99 -8.55
CA LYS A 175 0.40 8.89 -7.26
C LYS A 175 -0.35 7.56 -7.19
N GLU A 176 -0.18 6.83 -6.06
CA GLU A 176 -0.88 5.54 -5.92
C GLU A 176 -2.20 5.74 -5.21
N PHE A 177 -3.26 5.16 -5.77
CA PHE A 177 -4.60 5.30 -5.21
C PHE A 177 -5.27 3.95 -5.03
N VAL A 178 -6.26 3.87 -4.14
CA VAL A 178 -7.14 2.71 -4.07
C VAL A 178 -8.55 3.17 -4.39
N PHE A 179 -9.43 2.23 -4.73
CA PHE A 179 -10.80 2.54 -5.11
C PHE A 179 -11.71 2.02 -4.02
N ILE A 180 -12.55 2.89 -3.50
CA ILE A 180 -13.45 2.49 -2.41
C ILE A 180 -14.89 2.71 -2.89
N LYS A 181 -15.66 1.63 -3.02
CA LYS A 181 -17.05 1.77 -3.42
C LYS A 181 -17.76 2.72 -2.44
N THR A 182 -18.47 3.74 -2.95
CA THR A 182 -19.06 4.71 -2.05
C THR A 182 -20.22 4.08 -1.29
N ASN A 183 -20.92 3.15 -1.90
CA ASN A 183 -21.91 2.38 -1.14
C ASN A 183 -21.25 1.14 -0.54
N ARG A 184 -20.59 1.33 0.60
CA ARG A 184 -19.78 0.28 1.25
C ARG A 184 -20.03 0.29 2.76
N ALA B 2 -10.46 -0.93 23.59
CA ALA B 2 -9.53 -2.00 23.24
C ALA B 2 -8.74 -1.65 21.99
N PRO B 3 -7.48 -2.07 21.92
CA PRO B 3 -6.73 -1.93 20.67
C PRO B 3 -7.48 -2.55 19.48
N LYS B 4 -7.25 -1.99 18.30
CA LYS B 4 -7.91 -2.50 17.10
C LYS B 4 -7.33 -3.87 16.70
N PRO B 5 -8.18 -4.74 16.15
CA PRO B 5 -7.64 -5.96 15.54
C PRO B 5 -6.71 -5.66 14.38
N ILE B 6 -5.61 -6.42 14.30
CA ILE B 6 -4.82 -6.50 13.06
C ILE B 6 -5.67 -7.23 12.03
N VAL B 7 -5.70 -6.77 10.78
CA VAL B 7 -6.43 -7.51 9.75
C VAL B 7 -5.48 -8.02 8.67
N ASP B 8 -5.91 -9.07 7.99
CA ASP B 8 -5.12 -9.64 6.92
C ASP B 8 -5.42 -8.92 5.60
N ILE B 9 -4.86 -9.40 4.50
CA ILE B 9 -4.99 -8.69 3.23
C ILE B 9 -6.45 -8.68 2.74
N ASP B 10 -7.24 -9.60 3.27
CA ASP B 10 -8.67 -9.71 2.93
C ASP B 10 -9.56 -8.99 3.94
N GLY B 11 -8.95 -8.20 4.84
CA GLY B 11 -9.69 -7.41 5.81
C GLY B 11 -10.24 -8.19 6.99
N LYS B 12 -9.87 -9.47 7.12
CA LYS B 12 -10.36 -10.28 8.24
C LYS B 12 -9.38 -10.25 9.40
N PRO B 13 -9.88 -10.39 10.64
CA PRO B 13 -8.97 -10.38 11.80
C PRO B 13 -7.87 -11.42 11.66
N VAL B 14 -6.64 -11.02 11.98
CA VAL B 14 -5.55 -11.96 12.10
C VAL B 14 -5.72 -12.71 13.43
N LEU B 15 -5.54 -14.02 13.37
CA LEU B 15 -5.79 -14.88 14.53
C LEU B 15 -4.52 -15.54 15.01
N TYR B 16 -4.46 -15.83 16.30
CA TYR B 16 -3.38 -16.61 16.86
C TYR B 16 -3.52 -18.08 16.43
N GLY B 17 -2.40 -18.76 16.30
CA GLY B 17 -2.40 -20.19 16.05
C GLY B 17 -2.73 -20.58 14.61
N VAL B 18 -2.62 -19.62 13.69
CA VAL B 18 -3.00 -19.77 12.28
C VAL B 18 -1.84 -19.35 11.39
N ASP B 19 -1.57 -20.11 10.33
CA ASP B 19 -0.46 -19.80 9.44
C ASP B 19 -0.73 -18.59 8.53
N TYR B 20 0.20 -17.64 8.51
CA TYR B 20 0.13 -16.53 7.58
C TYR B 20 1.47 -16.40 6.90
N PHE B 21 1.47 -15.94 5.67
CA PHE B 21 2.70 -15.41 5.08
C PHE B 21 2.80 -13.96 5.50
N VAL B 22 4.01 -13.50 5.75
CA VAL B 22 4.22 -12.11 6.13
C VAL B 22 5.01 -11.51 5.00
N VAL B 23 4.35 -10.66 4.23
CA VAL B 23 4.85 -10.30 2.91
C VAL B 23 4.97 -8.79 2.75
N SER B 24 6.04 -8.35 2.09
CA SER B 24 6.29 -6.94 1.92
C SER B 24 5.07 -6.29 1.24
N ALA B 25 4.66 -5.16 1.79
CA ALA B 25 3.54 -4.41 1.20
C ALA B 25 3.97 -3.74 -0.09
N ILE B 26 5.25 -3.46 -0.21
CA ILE B 26 5.79 -2.81 -1.41
C ILE B 26 6.38 -3.86 -2.37
N TRP B 27 6.00 -3.80 -3.64
CA TRP B 27 6.44 -4.80 -4.64
C TRP B 27 7.79 -4.45 -5.24
N GLY B 28 8.24 -5.26 -6.21
CA GLY B 28 9.49 -4.99 -6.91
C GLY B 28 10.72 -5.38 -6.13
N ALA B 29 11.74 -4.54 -6.15
CA ALA B 29 13.00 -4.83 -5.48
C ALA B 29 12.74 -5.14 -4.02
N GLY B 30 11.81 -4.42 -3.41
CA GLY B 30 11.54 -4.58 -1.98
C GLY B 30 10.55 -5.67 -1.65
N GLY B 31 10.13 -6.42 -2.65
CA GLY B 31 9.08 -7.40 -2.49
C GLY B 31 9.62 -8.67 -1.85
N GLY B 32 8.71 -9.50 -1.35
CA GLY B 32 9.07 -10.78 -0.80
C GLY B 32 8.52 -10.99 0.60
N GLY B 33 8.33 -12.26 0.94
CA GLY B 33 7.92 -12.65 2.28
C GLY B 33 9.13 -13.06 3.13
N LEU B 34 8.87 -13.75 4.23
CA LEU B 34 9.94 -14.01 5.22
C LEU B 34 10.28 -15.47 5.33
N THR B 35 11.55 -15.72 5.57
CA THR B 35 12.05 -17.07 5.78
C THR B 35 13.28 -17.03 6.72
N VAL B 36 14.15 -18.04 6.66
CA VAL B 36 15.27 -18.19 7.60
C VAL B 36 16.53 -18.48 6.79
N TYR B 37 17.67 -18.05 7.31
CA TYR B 37 18.95 -18.36 6.69
C TYR B 37 20.08 -18.22 7.68
N GLY B 38 21.14 -18.99 7.49
CA GLY B 38 22.28 -18.96 8.39
C GLY B 38 23.16 -17.76 8.09
N PRO B 39 24.39 -17.74 8.62
CA PRO B 39 25.29 -16.59 8.50
C PRO B 39 25.65 -16.24 7.05
N GLY B 40 25.61 -17.20 6.15
CA GLY B 40 25.82 -16.92 4.74
C GLY B 40 27.14 -17.40 4.16
N ASN B 41 28.03 -17.83 5.03
CA ASN B 41 29.31 -18.41 4.61
C ASN B 41 29.13 -19.87 4.97
N LYS B 42 30.24 -20.60 5.10
CA LYS B 42 30.27 -22.05 5.14
C LYS B 42 29.35 -22.64 6.20
N LYS B 43 29.18 -21.92 7.31
CA LYS B 43 28.35 -22.36 8.42
C LYS B 43 26.87 -22.28 8.07
N LYS B 44 26.12 -23.33 8.40
CA LYS B 44 24.71 -23.40 8.07
C LYS B 44 23.83 -22.84 9.20
N CYS B 45 24.41 -22.81 10.40
CA CYS B 45 23.71 -22.41 11.64
C CYS B 45 24.52 -21.34 12.37
N PRO B 46 23.87 -20.56 13.25
CA PRO B 46 22.44 -20.56 13.58
C PRO B 46 21.66 -19.68 12.58
N LEU B 47 20.34 -19.58 12.74
CA LEU B 47 19.51 -18.93 11.72
C LEU B 47 19.01 -17.56 12.16
N SER B 48 18.78 -16.68 11.19
CA SER B 48 18.06 -15.45 11.47
C SER B 48 16.91 -15.33 10.48
N VAL B 49 16.02 -14.38 10.76
CA VAL B 49 14.86 -14.14 9.91
C VAL B 49 15.26 -13.23 8.78
N VAL B 50 14.98 -13.65 7.56
CA VAL B 50 15.38 -12.89 6.38
C VAL B 50 14.21 -12.69 5.42
N GLN B 51 14.34 -11.74 4.50
CA GLN B 51 13.33 -11.60 3.47
C GLN B 51 13.73 -12.39 2.23
N ASP B 52 12.84 -13.24 1.75
CA ASP B 52 13.02 -13.95 0.49
C ASP B 52 12.52 -13.08 -0.66
N PRO B 53 13.42 -12.62 -1.55
CA PRO B 53 12.96 -11.69 -2.60
C PRO B 53 12.10 -12.33 -3.69
N PHE B 54 12.00 -13.65 -3.69
CA PHE B 54 11.45 -14.37 -4.83
C PHE B 54 10.03 -14.86 -4.65
N ASP B 55 9.51 -14.88 -3.42
CA ASP B 55 8.18 -15.46 -3.18
C ASP B 55 7.65 -14.99 -1.84
N ASN B 56 6.50 -15.52 -1.44
CA ASN B 56 5.86 -15.07 -0.20
C ASN B 56 6.48 -15.67 1.07
N GLY B 57 7.56 -16.43 0.94
CA GLY B 57 8.27 -16.94 2.11
C GLY B 57 7.61 -18.14 2.75
N GLU B 58 7.85 -18.31 4.06
CA GLU B 58 7.39 -19.47 4.81
C GLU B 58 6.29 -19.05 5.77
N PRO B 59 5.45 -20.02 6.16
CA PRO B 59 4.32 -19.72 7.05
C PRO B 59 4.78 -19.40 8.49
N ILE B 60 4.07 -18.42 9.07
CA ILE B 60 4.37 -17.85 10.35
C ILE B 60 3.13 -17.97 11.21
N ILE B 61 3.33 -18.28 12.48
CA ILE B 61 2.23 -18.38 13.45
C ILE B 61 2.51 -17.45 14.62
N PHE B 62 1.48 -16.73 15.03
CA PHE B 62 1.56 -15.83 16.19
C PHE B 62 0.97 -16.55 17.39
N SER B 63 1.57 -16.37 18.56
CA SER B 63 1.07 -16.96 19.79
C SER B 63 0.92 -15.87 20.86
N ALA B 64 -0.20 -15.95 21.58
CA ALA B 64 -0.54 -14.95 22.58
C ALA B 64 0.25 -15.13 23.87
N ILE B 65 0.55 -14.03 24.55
CA ILE B 65 1.20 -14.14 25.86
C ILE B 65 0.14 -14.48 26.93
N LYS B 66 -0.91 -13.68 27.02
CA LYS B 66 -2.00 -13.92 27.96
C LYS B 66 -3.06 -14.77 27.30
N ASN B 67 -4.02 -15.25 28.09
CA ASN B 67 -5.16 -15.94 27.48
C ASN B 67 -5.96 -14.91 26.70
N VAL B 68 -6.14 -15.12 25.40
CA VAL B 68 -6.92 -14.21 24.57
C VAL B 68 -8.11 -14.97 24.01
N LYS B 69 -9.28 -14.85 24.63
CA LYS B 69 -10.37 -15.77 24.34
C LYS B 69 -10.93 -15.65 22.93
N ASP B 70 -10.93 -14.44 22.37
CA ASP B 70 -11.42 -14.27 21.00
C ASP B 70 -10.33 -14.64 19.97
N ASN B 71 -9.14 -14.99 20.45
CA ASN B 71 -8.07 -15.47 19.57
C ASN B 71 -7.63 -14.43 18.53
N ILE B 72 -7.92 -13.15 18.78
CA ILE B 72 -7.63 -12.13 17.77
C ILE B 72 -6.38 -11.34 18.11
N VAL B 73 -5.48 -11.20 17.13
CA VAL B 73 -4.26 -10.43 17.32
C VAL B 73 -4.60 -8.96 17.21
N ARG B 74 -4.14 -8.15 18.17
CA ARG B 74 -4.47 -6.73 18.18
C ARG B 74 -3.22 -5.85 18.15
N GLU B 75 -3.43 -4.61 17.73
CA GLU B 75 -2.36 -3.63 17.61
C GLU B 75 -1.64 -3.36 18.93
N SER B 76 -0.31 -3.32 18.85
CA SER B 76 0.55 -2.89 19.95
C SER B 76 0.38 -3.77 21.19
N VAL B 77 0.11 -5.05 20.98
CA VAL B 77 0.10 -6.02 22.07
C VAL B 77 1.29 -6.97 21.89
N ASP B 78 2.11 -7.13 22.93
CA ASP B 78 3.19 -8.10 22.89
C ASP B 78 2.70 -9.47 22.49
N LEU B 79 3.41 -10.10 21.57
CA LEU B 79 3.08 -11.45 21.18
C LEU B 79 4.33 -12.20 20.76
N ASN B 80 4.20 -13.50 20.60
CA ASN B 80 5.30 -14.34 20.15
C ASN B 80 5.11 -14.66 18.66
N VAL B 81 6.21 -14.95 17.98
CA VAL B 81 6.21 -15.21 16.55
CA VAL B 81 6.21 -15.21 16.55
C VAL B 81 7.11 -16.40 16.26
N LYS B 82 6.64 -17.30 15.41
CA LYS B 82 7.51 -18.40 14.96
C LYS B 82 7.21 -18.82 13.53
N PHE B 83 8.18 -19.43 12.89
CA PHE B 83 7.95 -20.09 11.61
C PHE B 83 7.37 -21.47 11.84
N ASN B 84 6.34 -21.82 11.08
CA ASN B 84 5.81 -23.16 11.18
C ASN B 84 6.47 -24.07 10.16
N ILE B 85 7.76 -24.36 10.40
CA ILE B 85 8.52 -25.15 9.47
C ILE B 85 9.45 -26.04 10.29
N THR B 86 10.13 -26.97 9.65
CA THR B 86 11.19 -27.72 10.31
C THR B 86 12.53 -27.15 9.85
N ILE B 87 13.49 -27.10 10.75
CA ILE B 87 14.83 -26.60 10.41
C ILE B 87 15.86 -27.63 10.86
N ASN B 88 17.08 -27.47 10.38
CA ASN B 88 18.18 -28.35 10.75
C ASN B 88 19.25 -27.61 11.54
N CYS B 89 18.83 -26.69 12.39
CA CYS B 89 19.70 -26.15 13.42
C CYS B 89 19.07 -26.50 14.75
N ASN B 90 19.91 -26.62 15.76
CA ASN B 90 19.45 -27.00 17.10
C ASN B 90 18.90 -25.80 17.88
N GLU B 91 17.76 -25.27 17.44
CA GLU B 91 17.14 -24.14 18.10
C GLU B 91 15.66 -24.09 17.71
N THR B 92 14.84 -23.38 18.47
CA THR B 92 13.44 -23.23 18.09
C THR B 92 13.28 -22.38 16.85
N THR B 93 12.09 -22.43 16.25
CA THR B 93 11.82 -21.62 15.05
C THR B 93 11.17 -20.28 15.45
N ALA B 94 11.19 -19.99 16.74
CA ALA B 94 10.57 -18.76 17.26
C ALA B 94 11.50 -17.54 17.11
N TRP B 95 10.93 -16.38 16.83
CA TRP B 95 11.74 -15.16 16.73
C TRP B 95 12.17 -14.62 18.09
N LYS B 96 13.34 -14.01 18.11
CA LYS B 96 13.77 -13.20 19.23
C LYS B 96 14.74 -12.16 18.72
N VAL B 97 15.02 -11.16 19.55
CA VAL B 97 16.04 -10.19 19.23
C VAL B 97 17.33 -10.61 19.92
N ASP B 98 18.44 -10.63 19.20
CA ASP B 98 19.69 -11.08 19.80
C ASP B 98 20.85 -10.60 18.94
N ARG B 99 22.08 -10.82 19.38
CA ARG B 99 23.22 -10.58 18.49
C ARG B 99 23.31 -11.72 17.47
N PHE B 100 23.73 -11.39 16.25
CA PHE B 100 23.88 -12.40 15.20
C PHE B 100 25.19 -12.17 14.48
N PRO B 101 25.93 -13.25 14.22
CA PRO B 101 27.30 -13.03 13.75
C PRO B 101 27.33 -12.31 12.41
N GLY B 102 28.29 -11.40 12.26
CA GLY B 102 28.44 -10.68 11.01
C GLY B 102 27.55 -9.47 10.90
N VAL B 103 26.63 -9.30 11.86
CA VAL B 103 25.69 -8.18 11.84
C VAL B 103 25.80 -7.31 13.09
N ILE B 104 26.19 -6.05 12.91
CA ILE B 104 26.25 -5.15 14.05
C ILE B 104 24.84 -4.82 14.50
N GLY B 105 24.66 -4.64 15.79
CA GLY B 105 23.39 -4.21 16.34
C GLY B 105 22.54 -5.38 16.79
N TRP B 106 21.23 -5.19 16.79
CA TRP B 106 20.32 -6.22 17.27
C TRP B 106 19.54 -6.79 16.08
N THR B 107 19.61 -8.10 15.94
CA THR B 107 19.01 -8.82 14.82
C THR B 107 17.80 -9.65 15.26
N VAL B 108 16.80 -9.81 14.38
CA VAL B 108 15.74 -10.76 14.64
C VAL B 108 16.25 -12.14 14.25
N THR B 109 16.49 -13.01 15.25
CA THR B 109 17.01 -14.33 14.99
C THR B 109 15.97 -15.39 15.33
N LEU B 110 16.33 -16.65 15.14
CA LEU B 110 15.52 -17.74 15.67
C LEU B 110 15.96 -18.06 17.10
N GLY B 111 15.48 -19.18 17.65
CA GLY B 111 15.84 -19.57 19.02
C GLY B 111 15.04 -18.84 20.09
N GLY B 112 13.90 -18.28 19.69
CA GLY B 112 13.11 -17.52 20.64
C GLY B 112 12.41 -18.41 21.66
N GLU B 113 11.86 -17.79 22.69
CA GLU B 113 11.11 -18.48 23.73
C GLU B 113 9.65 -18.09 23.59
N LYS B 114 8.79 -18.75 24.34
CA LYS B 114 7.36 -18.46 24.33
C LYS B 114 6.91 -18.09 25.72
N GLY B 115 6.03 -17.10 25.84
CA GLY B 115 5.42 -16.77 27.12
C GLY B 115 6.30 -15.84 27.94
N TYR B 116 5.79 -15.35 29.08
CA TYR B 116 6.60 -14.55 29.97
C TYR B 116 7.13 -15.40 31.14
N HIS B 117 8.43 -15.37 31.34
CA HIS B 117 8.98 -16.00 32.54
C HIS B 117 10.17 -15.19 33.06
N GLY B 118 10.12 -13.89 32.87
CA GLY B 118 11.18 -13.03 33.39
C GLY B 118 11.81 -12.14 32.31
N PHE B 119 12.88 -11.45 32.71
CA PHE B 119 13.41 -10.37 31.87
C PHE B 119 13.75 -10.83 30.46
N GLU B 120 14.50 -11.91 30.35
CA GLU B 120 15.05 -12.33 29.07
C GLU B 120 13.95 -12.83 28.11
N SER B 121 12.87 -13.38 28.65
CA SER B 121 11.82 -13.91 27.80
C SER B 121 11.17 -12.76 26.99
N THR B 122 11.29 -11.52 27.46
CA THR B 122 10.71 -10.41 26.69
C THR B 122 11.46 -10.16 25.39
N HIS B 123 12.64 -10.74 25.25
CA HIS B 123 13.39 -10.56 24.01
C HIS B 123 12.75 -11.35 22.85
N SER B 124 11.78 -12.21 23.18
CA SER B 124 10.97 -12.92 22.20
C SER B 124 9.60 -12.29 21.96
N MET B 125 9.39 -11.08 22.47
CA MET B 125 8.10 -10.42 22.33
C MET B 125 8.16 -9.31 21.30
N PHE B 126 7.21 -9.33 20.38
CA PHE B 126 7.13 -8.32 19.33
C PHE B 126 5.75 -7.68 19.35
N LYS B 127 5.68 -6.43 18.90
CA LYS B 127 4.38 -5.79 18.69
C LYS B 127 4.15 -5.53 17.22
N ILE B 128 2.88 -5.62 16.81
CA ILE B 128 2.48 -5.30 15.43
C ILE B 128 1.70 -3.99 15.45
N LYS B 129 2.16 -3.00 14.69
CA LYS B 129 1.52 -1.68 14.69
C LYS B 129 1.11 -1.32 13.26
N LYS B 130 0.06 -0.52 13.12
CA LYS B 130 -0.38 -0.10 11.79
C LYS B 130 0.71 0.74 11.10
N ALA B 131 0.88 0.52 9.80
CA ALA B 131 1.77 1.32 8.95
C ALA B 131 0.95 2.04 7.87
N GLY B 132 1.62 2.88 7.09
CA GLY B 132 0.93 3.87 6.29
C GLY B 132 0.45 3.44 4.91
N LEU B 133 0.33 2.14 4.68
CA LEU B 133 -0.07 1.59 3.39
C LEU B 133 -1.28 0.70 3.59
N PRO B 134 -2.04 0.43 2.51
CA PRO B 134 -3.28 -0.32 2.75
C PRO B 134 -3.00 -1.72 3.32
N PHE B 135 -3.74 -2.07 4.38
CA PHE B 135 -3.66 -3.38 5.04
C PHE B 135 -2.27 -3.68 5.56
N SER B 136 -1.45 -2.64 5.74
CA SER B 136 -0.04 -2.87 6.08
CA SER B 136 -0.04 -2.86 6.09
C SER B 136 0.27 -2.55 7.54
N TYR B 137 1.28 -3.26 8.05
CA TYR B 137 1.71 -3.19 9.44
C TYR B 137 3.22 -3.23 9.52
N LYS B 138 3.79 -2.84 10.67
CA LYS B 138 5.19 -3.04 10.94
C LYS B 138 5.35 -3.82 12.24
N PHE B 139 6.51 -4.45 12.41
CA PHE B 139 6.85 -5.05 13.68
C PHE B 139 7.67 -4.05 14.47
N HIS B 140 7.42 -4.00 15.77
CA HIS B 140 8.07 -3.09 16.68
C HIS B 140 8.51 -3.87 17.90
N PHE B 141 9.72 -3.62 18.35
CA PHE B 141 10.17 -4.23 19.61
C PHE B 141 10.13 -3.22 20.72
N CYS B 142 9.23 -3.42 21.67
CA CYS B 142 9.17 -2.59 22.88
C CYS B 142 8.26 -3.24 23.91
N PRO B 143 8.77 -4.28 24.60
CA PRO B 143 7.86 -5.07 25.44
C PRO B 143 7.28 -4.27 26.60
N SER B 144 6.05 -4.59 26.99
CA SER B 144 5.39 -3.93 28.13
C SER B 144 5.56 -4.74 29.42
N TYR B 145 6.30 -5.83 29.34
CA TYR B 145 6.58 -6.66 30.53
C TYR B 145 7.93 -6.27 31.14
N PRO B 146 8.12 -6.56 32.43
CA PRO B 146 9.39 -6.20 33.08
C PRO B 146 10.61 -6.80 32.41
N ARG B 147 11.63 -5.97 32.22
CA ARG B 147 12.85 -6.41 31.54
C ARG B 147 14.00 -5.48 31.85
N THR B 148 15.20 -5.83 31.40
CA THR B 148 16.33 -4.92 31.53
C THR B 148 16.39 -4.00 30.33
N ARG B 149 17.26 -3.01 30.40
CA ARG B 149 17.37 -2.02 29.35
C ARG B 149 18.44 -2.42 28.29
N LEU B 150 18.86 -3.68 28.30
CA LEU B 150 19.90 -4.14 27.39
C LEU B 150 19.58 -3.80 25.92
N ILE B 151 18.36 -4.16 25.49
CA ILE B 151 17.96 -3.96 24.08
C ILE B 151 17.05 -2.74 23.97
N PRO B 152 17.50 -1.68 23.31
CA PRO B 152 16.63 -0.50 23.15
C PRO B 152 15.41 -0.80 22.28
N CYS B 153 14.28 -0.16 22.59
CA CYS B 153 13.07 -0.26 21.75
C CYS B 153 13.36 0.23 20.33
N ASN B 154 12.78 -0.42 19.33
CA ASN B 154 12.94 0.09 17.95
C ASN B 154 12.01 -0.66 17.02
N ASN B 155 11.80 -0.10 15.83
CA ASN B 155 11.11 -0.82 14.77
C ASN B 155 11.97 -1.93 14.20
N VAL B 156 11.33 -2.79 13.41
CA VAL B 156 12.04 -3.82 12.65
C VAL B 156 12.08 -3.42 11.16
N ASP B 157 13.27 -3.50 10.54
CA ASP B 157 13.42 -3.18 9.12
C ASP B 157 14.45 -4.13 8.50
N ILE B 158 14.55 -4.06 7.18
CA ILE B 158 15.49 -4.90 6.42
C ILE B 158 16.86 -4.25 6.36
N PHE B 159 17.89 -5.08 6.51
CA PHE B 159 19.28 -4.64 6.39
C PHE B 159 20.02 -5.65 5.51
N PHE B 160 20.65 -5.18 4.44
CA PHE B 160 21.42 -6.07 3.57
C PHE B 160 22.78 -6.31 4.18
N ASP B 161 23.12 -7.57 4.48
CA ASP B 161 24.43 -7.85 5.07
C ASP B 161 25.48 -7.98 3.98
N LYS B 162 26.70 -8.40 4.33
CA LYS B 162 27.77 -8.39 3.34
C LYS B 162 27.57 -9.41 2.21
N TYR B 163 26.70 -10.40 2.44
CA TYR B 163 26.32 -11.36 1.40
C TYR B 163 25.05 -10.93 0.66
N ARG B 164 24.60 -9.71 0.93
CA ARG B 164 23.34 -9.19 0.42
C ARG B 164 22.12 -10.03 0.83
N ILE B 165 22.25 -10.78 1.92
CA ILE B 165 21.10 -11.39 2.57
C ILE B 165 20.29 -10.29 3.31
N ARG B 166 18.98 -10.32 3.14
CA ARG B 166 18.10 -9.28 3.69
C ARG B 166 17.72 -9.63 5.12
N ARG B 167 18.54 -9.19 6.08
CA ARG B 167 18.32 -9.50 7.49
C ARG B 167 17.24 -8.59 8.03
N LEU B 168 16.54 -9.05 9.05
CA LEU B 168 15.66 -8.17 9.80
C LEU B 168 16.39 -7.74 11.06
N ILE B 169 16.41 -6.44 11.30
CA ILE B 169 17.11 -5.88 12.45
C ILE B 169 16.28 -4.80 13.13
N LEU B 170 16.68 -4.42 14.34
CA LEU B 170 16.07 -3.28 15.02
C LEU B 170 16.77 -2.03 14.53
N THR B 171 15.98 -1.04 14.16
CA THR B 171 16.54 0.18 13.62
C THR B 171 15.43 1.21 13.63
N ASN B 172 15.76 2.45 13.28
CA ASN B 172 14.80 3.55 13.39
C ASN B 172 13.58 3.39 12.46
N ASP B 173 13.84 3.07 11.20
CA ASP B 173 12.80 2.92 10.18
C ASP B 173 12.11 1.54 10.25
N ALA B 174 10.94 1.42 9.63
CA ALA B 174 10.19 0.15 9.67
C ALA B 174 9.89 -0.39 8.27
N LYS B 175 10.00 -1.69 8.14
CA LYS B 175 9.54 -2.38 6.94
C LYS B 175 8.02 -2.63 7.02
N GLU B 176 7.28 -2.30 5.96
CA GLU B 176 5.82 -2.53 5.95
C GLU B 176 5.48 -3.88 5.35
N PHE B 177 4.61 -4.61 6.04
CA PHE B 177 4.18 -5.95 5.62
C PHE B 177 2.67 -6.06 5.62
N VAL B 178 2.17 -7.02 4.86
CA VAL B 178 0.76 -7.44 4.92
C VAL B 178 0.72 -8.90 5.35
N PHE B 179 -0.41 -9.33 5.87
CA PHE B 179 -0.54 -10.71 6.32
C PHE B 179 -1.47 -11.47 5.39
N ILE B 180 -0.98 -12.58 4.84
CA ILE B 180 -1.75 -13.33 3.86
C ILE B 180 -2.00 -14.71 4.42
N LYS B 181 -3.25 -15.04 4.68
CA LYS B 181 -3.54 -16.35 5.24
C LYS B 181 -3.04 -17.41 4.27
N THR B 182 -2.32 -18.39 4.79
CA THR B 182 -1.68 -19.41 3.98
C THR B 182 -2.72 -20.30 3.32
N ASN B 183 -3.79 -20.61 4.04
CA ASN B 183 -4.84 -21.46 3.48
C ASN B 183 -6.20 -20.76 3.57
C1 NAG C . -24.72 9.97 -8.84
C2 NAG C . -25.10 8.62 -8.20
C3 NAG C . -26.65 8.55 -7.95
C4 NAG C . -27.13 9.77 -7.17
C5 NAG C . -26.61 11.07 -7.83
C6 NAG C . -26.95 12.33 -7.00
C7 NAG C . -25.08 7.24 -10.28
C8 NAG C . -24.49 6.01 -10.89
N2 NAG C . -24.68 7.54 -9.03
O3 NAG C . -26.90 7.47 -7.07
O4 NAG C . -28.57 9.77 -7.23
O5 NAG C . -25.18 10.94 -7.92
O6 NAG C . -26.37 12.24 -5.71
O7 NAG C . -25.91 7.95 -10.91
C1 FUC C . -27.32 6.26 -7.74
C2 FUC C . -27.26 5.12 -6.73
C3 FUC C . -28.32 5.31 -5.62
C4 FUC C . -29.70 5.38 -6.22
C5 FUC C . -29.70 6.47 -7.28
C6 FUC C . -31.01 6.50 -8.06
O2 FUC C . -26.00 5.06 -6.10
O3 FUC C . -28.26 4.18 -4.77
O4 FUC C . -29.99 4.12 -6.79
O5 FUC C . -28.65 6.33 -8.25
C1 NAG C . -29.11 10.05 -5.93
C2 NAG C . -30.60 10.30 -6.13
C3 NAG C . -31.43 10.37 -4.85
C4 NAG C . -31.02 9.33 -3.83
C5 NAG C . -29.50 9.21 -3.74
C6 NAG C . -29.11 8.10 -2.81
C7 NAG C . -31.20 11.41 -8.15
C8 NAG C . -31.38 12.66 -8.97
N2 NAG C . -30.80 11.54 -6.86
O3 NAG C . -32.78 10.09 -5.18
O4 NAG C . -31.46 9.99 -2.68
O5 NAG C . -28.92 8.97 -5.04
O6 NAG C . -27.76 8.34 -2.48
O7 NAG C . -31.40 10.28 -8.65
C1 NAG D . 1.93 -26.08 10.58
C2 NAG D . 0.47 -26.02 10.17
C3 NAG D . -0.10 -27.50 10.11
C4 NAG D . 0.72 -28.37 9.24
C5 NAG D . 2.20 -28.28 9.67
C6 NAG D . 3.23 -29.09 8.91
C7 NAG D . -0.55 -25.40 12.42
C8 NAG D . -1.39 -24.38 13.14
N2 NAG D . -0.27 -25.18 11.09
O3 NAG D . -1.23 -27.28 9.37
O4 NAG D . 0.33 -29.70 9.52
O5 NAG D . 2.58 -26.88 9.65
O6 NAG D . 3.03 -28.67 7.63
O7 NAG D . -0.10 -26.36 13.09
C1 FUC D . -2.39 -27.28 10.28
C2 FUC D . -3.58 -26.91 9.41
C3 FUC D . -3.88 -28.06 8.46
C4 FUC D . -4.25 -29.31 9.26
C5 FUC D . -3.19 -29.63 10.30
C6 FUC D . -3.72 -30.57 11.38
O2 FUC D . -3.22 -25.85 8.58
O3 FUC D . -4.96 -27.67 7.63
O4 FUC D . -5.48 -28.98 9.88
O5 FUC D . -2.64 -28.49 10.99
C1 NAG D . 0.21 -30.40 8.27
C2 NAG D . -0.05 -31.88 8.64
C3 NAG D . -0.40 -32.78 7.46
C4 NAG D . -1.22 -32.12 6.38
C5 NAG D . -0.88 -30.62 6.19
C6 NAG D . -1.91 -29.97 5.27
C7 NAG D . 0.99 -32.69 10.71
C8 NAG D . 2.19 -33.32 11.42
N2 NAG D . 1.07 -32.49 9.38
O3 NAG D . -1.18 -33.90 7.86
O4 NAG D . -0.75 -32.92 5.32
O5 NAG D . -0.81 -29.89 7.43
O6 NAG D . -1.33 -28.70 4.90
O7 NAG D . 0.01 -32.34 11.38
CO CO E . -17.75 14.02 -36.89
CO CO F . -13.11 17.59 2.35
N NH4 G . -10.56 17.39 -32.22
N NH4 H . -12.18 27.82 -6.05
C1 GOL I . 1.06 -2.50 -14.52
O1 GOL I . 1.52 -1.40 -13.75
C2 GOL I . -0.20 -2.17 -15.30
O2 GOL I . -1.36 -2.83 -14.76
C3 GOL I . -0.07 -2.24 -16.83
O3 GOL I . 1.23 -2.61 -17.27
C1 GOL J . 6.84 5.58 -11.84
O1 GOL J . 7.83 6.30 -12.56
C2 GOL J . 5.83 4.93 -12.80
O2 GOL J . 4.92 4.15 -12.09
C3 GOL J . 6.44 4.14 -13.97
O3 GOL J . 5.80 4.61 -15.18
S SO4 K . -18.14 -2.08 -29.73
O1 SO4 K . -16.89 -1.87 -30.53
O2 SO4 K . -19.44 -1.76 -30.30
O3 SO4 K . -18.13 -3.43 -29.18
O4 SO4 K . -18.10 -1.07 -28.71
S SO4 L . 5.56 23.40 -19.92
O1 SO4 L . 4.92 22.27 -20.67
O2 SO4 L . 4.66 24.40 -19.38
O3 SO4 L . 6.26 22.80 -18.79
O4 SO4 L . 6.50 24.01 -20.88
S SO4 M . -15.82 33.17 -11.31
O1 SO4 M . -14.75 32.48 -12.05
O2 SO4 M . -15.97 34.41 -12.02
O3 SO4 M . -17.03 32.32 -11.36
O4 SO4 M . -15.57 33.44 -9.90
S SO4 N . 0.16 2.15 -22.83
O1 SO4 N . 1.22 1.57 -23.67
O2 SO4 N . -0.81 2.78 -23.74
O3 SO4 N . -0.44 1.08 -21.99
O4 SO4 N . 0.69 3.18 -21.95
S SO4 O . 0.19 16.32 -35.02
O1 SO4 O . 1.42 16.01 -35.74
O2 SO4 O . -0.63 17.34 -35.69
O3 SO4 O . -0.55 15.06 -34.97
O4 SO4 O . 0.53 16.82 -33.67
N NH4 P . 23.14 -20.92 5.08
C1 GOL Q . 2.95 -6.02 31.12
O1 GOL Q . 3.45 -6.35 32.42
C2 GOL Q . 1.69 -6.82 30.89
O2 GOL Q . 1.02 -6.83 32.15
C3 GOL Q . 0.90 -6.05 29.85
O3 GOL Q . -0.20 -6.85 29.46
C1 GOL R . 20.79 -6.67 -4.14
O1 GOL R . 22.17 -6.88 -3.69
C2 GOL R . 19.99 -8.02 -4.12
O2 GOL R . 20.19 -8.87 -2.99
C3 GOL R . 18.50 -7.90 -4.18
O3 GOL R . 18.37 -7.68 -5.57
S SO4 S . 26.87 -25.87 10.77
O1 SO4 S . 27.09 -25.77 9.31
O2 SO4 S . 26.90 -24.51 11.26
O3 SO4 S . 25.60 -26.57 11.08
O4 SO4 S . 27.91 -26.69 11.38
S SO4 T . 23.79 -1.67 21.04
O1 SO4 T . 24.25 -2.36 19.59
O2 SO4 T . 22.23 -1.46 21.72
O3 SO4 T . 24.11 -2.37 21.74
O4 SO4 T . 24.63 -0.39 20.61
#